data_7M0V
#
_entry.id   7M0V
#
_cell.length_a   116.144
_cell.length_b   116.144
_cell.length_c   129.886
_cell.angle_alpha   90.000
_cell.angle_beta   90.000
_cell.angle_gamma   120.000
#
_symmetry.space_group_name_H-M   'P 31 2 1'
#
loop_
_entity.id
_entity.type
_entity.pdbx_description
1 polymer 'Serine/threonine-protein kinase B-raf'
2 polymer 'Dual specificity mitogen-activated protein kinase kinase 1'
3 non-polymer 'PHOSPHOAMINOPHOSPHONIC ACID-ADENYLATE ESTER'
4 non-polymer 'MAGNESIUM ION'
5 non-polymer [3,4-BIS(FLUORANYL)-2-[(2-FLUORANYL-4-IODANYL-PHENYL)AMINO]PHENYL]-[3-OXIDANYL-3-[(2S)-PIPERIDIN-2-YL]AZETIDIN-1-YL]METHANONE
#
loop_
_entity_poly.entity_id
_entity_poly.type
_entity_poly.pdbx_seq_one_letter_code
_entity_poly.pdbx_strand_id
1 'polypeptide(L)'
;GGGRDSSDDWEIPDGQITVGQRIGSGSFGTVYKGKWHGDVAVKMLNVTAPTPQQLQAFKNEVGVLRKTRHVNILLFMGYS
TKPQLAIVTQWCEGSSLYHHLHIIETKFEMIKLIDIARQTAQGMDYLHAKSIIHRDLKSNNIFLHEDLTVKIGDFGLATV
KSRWSGSHQFEQLSGSILWMAPEVIRMQDKNPYSFQSDVYAFGIVLYELMTGQLPYSNINNRDQIIFMVGRGYLSPDLSK
VRSNCPKAMKRLMAECLKKKRDERPLFPQILASIELLARSLPK
;
A
2 'polypeptide(L)'
;GGGRMPKKKPTPIQLNPAPDGSAVNGTSSAETNLEALQKKLEELELDEQQRKRLEAFLTQKQKVGELKDDDFEKISELGA
GNGGVVFKVSHKPSGLVMARKLIHLEIKPAIRNQIIRELQVLHECNSPYIVGFYGAFYSDGEISICMEHMDGGSLDQVLK
KAGRIPEQILGKVSIAVIKGLTYLREKHKIMHRDVKPSNILVNSRGEIKLCDFGVSGQLIDAMANAFVGTRSYMSPERLQ
GTHYSVQSDIWSMGLSLVEMAVGRYPIPPPDAKELELMFGCQVEGDAAETPPRPRTPGRPLSSYGMDSRPPMAIFELLDY
IVNEPPPKLPSGVFSLEFQDFVNKCLIKNPAERADLKQLMVHAFIKRSDAEEVDFAGWLCSTIGLNQPSTPTHAAGV
;
B
#
loop_
_chem_comp.id
_chem_comp.type
_chem_comp.name
_chem_comp.formula
ANP non-polymer 'PHOSPHOAMINOPHOSPHONIC ACID-ADENYLATE ESTER' 'C10 H17 N6 O12 P3'
EUI non-polymer [3,4-BIS(FLUORANYL)-2-[(2-FLUORANYL-4-IODANYL-PHENYL)AMINO]PHENYL]-[3-OXIDANYL-3-[(2S)-PIPERIDIN-2-YL]AZETIDIN-1-YL]METHANONE 'C21 H21 F3 I N3 O2'
MG non-polymer 'MAGNESIUM ION' 'Mg 2'
#
# COMPACT_ATOMS: atom_id res chain seq x y z
N ASP A 9 -18.52 32.24 -3.13
CA ASP A 9 -18.24 31.21 -4.12
C ASP A 9 -16.78 31.27 -4.62
N TRP A 10 -15.94 30.36 -4.12
CA TRP A 10 -14.51 30.36 -4.40
C TRP A 10 -14.13 29.45 -5.58
N GLU A 11 -15.08 29.11 -6.44
CA GLU A 11 -14.85 28.16 -7.52
C GLU A 11 -14.13 28.84 -8.68
N ILE A 12 -13.43 28.05 -9.48
CA ILE A 12 -12.87 28.55 -10.74
C ILE A 12 -13.62 27.95 -11.92
N PRO A 13 -13.86 28.73 -12.99
CA PRO A 13 -14.45 28.16 -14.19
C PRO A 13 -13.68 26.95 -14.67
N ASP A 14 -14.41 26.09 -15.36
CA ASP A 14 -13.89 24.86 -15.93
C ASP A 14 -12.62 25.11 -16.74
N GLY A 15 -12.76 25.78 -17.89
CA GLY A 15 -11.66 26.04 -18.79
C GLY A 15 -10.79 27.19 -18.37
N GLN A 16 -10.46 27.23 -17.09
CA GLN A 16 -9.51 28.19 -16.58
C GLN A 16 -8.15 27.60 -16.29
N ILE A 17 -8.14 26.33 -15.98
CA ILE A 17 -6.94 25.60 -15.60
C ILE A 17 -6.46 24.88 -16.83
N THR A 18 -5.18 25.03 -17.15
CA THR A 18 -4.57 24.27 -18.23
C THR A 18 -3.83 23.10 -17.56
N VAL A 19 -4.57 22.03 -17.30
CA VAL A 19 -3.99 20.85 -16.68
C VAL A 19 -2.91 20.28 -17.59
N GLY A 20 -1.77 19.92 -17.01
CA GLY A 20 -0.62 19.51 -17.81
C GLY A 20 -0.08 18.15 -17.41
N GLN A 21 1.20 18.10 -17.01
CA GLN A 21 1.85 16.83 -16.70
C GLN A 21 1.31 16.20 -15.40
N ARG A 22 0.98 14.90 -15.48
CA ARG A 22 0.69 14.08 -14.30
C ARG A 22 1.97 13.86 -13.51
N ILE A 23 1.88 14.02 -12.19
CA ILE A 23 3.06 14.11 -11.34
C ILE A 23 3.14 12.96 -10.33
N GLY A 24 2.00 12.56 -9.74
CA GLY A 24 1.94 11.46 -8.78
C GLY A 24 0.66 11.35 -7.97
N SER A 25 0.38 10.17 -7.40
CA SER A 25 -0.81 9.92 -6.58
C SER A 25 -0.45 9.88 -5.10
N GLY A 26 -1.16 10.67 -4.31
CA GLY A 26 -0.94 10.73 -2.88
C GLY A 26 -1.95 10.00 -2.02
N SER A 27 -2.13 10.46 -0.78
CA SER A 27 -3.03 9.75 0.12
C SER A 27 -4.48 10.11 -0.13
N PHE A 28 -4.77 11.02 -1.06
CA PHE A 28 -6.12 11.52 -1.27
C PHE A 28 -6.24 12.32 -2.56
N GLY A 29 -5.21 12.31 -3.40
CA GLY A 29 -5.37 12.87 -4.74
C GLY A 29 -4.30 12.40 -5.70
N THR A 30 -4.52 12.71 -6.98
CA THR A 30 -3.52 12.71 -8.05
C THR A 30 -3.22 14.14 -8.48
N VAL A 31 -1.94 14.48 -8.49
CA VAL A 31 -1.51 15.85 -8.73
C VAL A 31 -1.01 15.96 -10.17
N TYR A 32 -1.53 16.96 -10.89
CA TYR A 32 -1.03 17.38 -12.19
C TYR A 32 -0.50 18.80 -12.05
N LYS A 33 0.68 19.04 -12.62
CA LYS A 33 1.13 20.42 -12.81
C LYS A 33 0.17 21.13 -13.73
N GLY A 34 -0.20 22.35 -13.37
CA GLY A 34 -1.19 23.11 -14.10
C GLY A 34 -0.65 24.45 -14.55
N LYS A 35 -1.47 25.12 -15.35
CA LYS A 35 -1.29 26.53 -15.66
C LYS A 35 -2.55 27.28 -15.25
N TRP A 36 -2.36 28.36 -14.49
CA TRP A 36 -3.44 29.27 -14.16
C TRP A 36 -2.88 30.56 -13.57
N HIS A 37 -2.64 31.56 -14.43
CA HIS A 37 -1.91 32.79 -14.06
C HIS A 37 -0.60 32.44 -13.37
N GLY A 38 0.16 31.62 -14.08
CA GLY A 38 1.36 31.00 -13.57
C GLY A 38 1.11 29.57 -13.16
N ASP A 39 2.21 28.85 -12.97
CA ASP A 39 2.13 27.42 -12.67
C ASP A 39 1.34 27.18 -11.39
N VAL A 40 0.62 26.06 -11.36
CA VAL A 40 -0.14 25.65 -10.20
C VAL A 40 0.04 24.16 -9.98
N ALA A 41 -0.51 23.69 -8.87
CA ALA A 41 -0.56 22.28 -8.56
C ALA A 41 -2.02 21.92 -8.52
N VAL A 42 -2.44 21.08 -9.45
CA VAL A 42 -3.84 20.62 -9.50
C VAL A 42 -3.92 19.20 -8.94
N LYS A 43 -4.61 19.04 -7.82
CA LYS A 43 -4.85 17.75 -7.23
C LYS A 43 -6.30 17.33 -7.48
N MET A 44 -6.48 16.27 -8.30
CA MET A 44 -7.79 15.70 -8.61
C MET A 44 -8.21 14.75 -7.49
N LEU A 45 -9.20 15.14 -6.70
CA LEU A 45 -9.53 14.38 -5.50
C LEU A 45 -10.01 12.98 -5.84
N ASN A 46 -9.68 12.01 -4.95
CA ASN A 46 -10.20 10.65 -5.05
C ASN A 46 -11.67 10.55 -4.69
N VAL A 47 -12.18 11.46 -3.87
CA VAL A 47 -13.63 11.58 -3.68
C VAL A 47 -14.18 12.24 -4.94
N THR A 48 -14.69 11.44 -5.86
CA THR A 48 -15.47 11.95 -6.98
C THR A 48 -16.94 11.64 -6.77
N ALA A 49 -17.34 11.47 -5.50
CA ALA A 49 -18.72 11.28 -5.06
C ALA A 49 -19.21 12.59 -4.43
N PRO A 50 -19.42 13.65 -5.23
CA PRO A 50 -19.83 14.93 -4.64
C PRO A 50 -21.22 14.92 -4.02
N THR A 51 -21.29 14.36 -2.81
CA THR A 51 -22.53 14.30 -2.05
C THR A 51 -23.08 15.69 -1.78
N PRO A 52 -24.39 15.86 -1.69
CA PRO A 52 -24.93 17.15 -1.24
C PRO A 52 -24.39 17.64 0.10
N GLN A 53 -24.26 16.78 1.12
CA GLN A 53 -23.68 17.24 2.39
C GLN A 53 -22.18 17.51 2.24
N GLN A 54 -21.49 16.68 1.45
CA GLN A 54 -20.07 16.87 1.21
C GLN A 54 -19.81 18.22 0.57
N LEU A 55 -20.33 18.44 -0.65
CA LEU A 55 -20.03 19.66 -1.41
C LEU A 55 -20.26 20.93 -0.61
N GLN A 56 -21.12 20.91 0.41
CA GLN A 56 -21.27 22.09 1.25
C GLN A 56 -20.26 22.12 2.39
N ALA A 57 -19.75 20.97 2.84
CA ALA A 57 -18.74 20.94 3.89
C ALA A 57 -17.33 21.17 3.35
N PHE A 58 -17.08 20.71 2.13
CA PHE A 58 -15.82 20.99 1.47
C PHE A 58 -15.79 22.43 0.97
N LYS A 59 -16.94 22.94 0.48
CA LYS A 59 -17.05 24.37 0.22
C LYS A 59 -16.72 25.18 1.48
N ASN A 60 -17.29 24.81 2.64
CA ASN A 60 -16.96 25.50 3.89
C ASN A 60 -15.48 25.39 4.20
N GLU A 61 -14.89 24.20 4.02
CA GLU A 61 -13.49 24.02 4.39
C GLU A 61 -12.55 24.81 3.47
N VAL A 62 -12.85 24.87 2.17
CA VAL A 62 -12.10 25.77 1.27
C VAL A 62 -12.22 27.22 1.72
N GLY A 63 -13.35 27.60 2.30
CA GLY A 63 -13.46 28.93 2.87
C GLY A 63 -12.38 29.24 3.89
N VAL A 64 -12.19 28.33 4.84
CA VAL A 64 -11.17 28.58 5.86
C VAL A 64 -9.77 28.51 5.25
N LEU A 65 -9.51 27.50 4.41
CA LEU A 65 -8.17 27.37 3.87
C LEU A 65 -7.81 28.51 2.92
N ARG A 66 -8.80 29.08 2.23
CA ARG A 66 -8.51 30.14 1.27
C ARG A 66 -7.88 31.34 1.98
N LYS A 67 -8.43 31.73 3.14
CA LYS A 67 -7.88 32.83 3.93
C LYS A 67 -6.82 32.37 4.94
N THR A 68 -6.02 31.35 4.63
CA THR A 68 -4.84 31.06 5.43
C THR A 68 -3.63 31.49 4.62
N ARG A 69 -3.00 32.57 5.12
CA ARG A 69 -1.81 33.16 4.45
C ARG A 69 -0.66 33.21 5.45
N HIS A 70 0.47 32.58 5.13
CA HIS A 70 1.65 32.52 5.98
C HIS A 70 2.84 32.04 5.16
N VAL A 71 4.02 32.57 5.48
CA VAL A 71 5.21 32.35 4.65
C VAL A 71 5.61 30.88 4.60
N ASN A 72 5.27 30.12 5.64
CA ASN A 72 5.60 28.71 5.69
C ASN A 72 4.41 27.81 5.36
N ILE A 73 3.38 28.36 4.73
CA ILE A 73 2.18 27.62 4.39
C ILE A 73 1.99 27.73 2.88
N LEU A 74 1.75 26.61 2.23
CA LEU A 74 1.48 26.61 0.80
CA LEU A 74 1.47 26.60 0.81
C LEU A 74 0.18 27.33 0.48
N LEU A 75 0.25 28.24 -0.48
CA LEU A 75 -0.92 29.01 -0.88
C LEU A 75 -2.04 28.13 -1.44
N PHE A 76 -3.25 28.31 -0.93
CA PHE A 76 -4.42 27.52 -1.33
C PHE A 76 -5.21 28.31 -2.36
N MET A 77 -4.91 28.09 -3.62
CA MET A 77 -5.39 29.02 -4.65
C MET A 77 -6.84 28.77 -5.04
N GLY A 78 -7.60 27.97 -4.30
CA GLY A 78 -8.97 27.69 -4.70
C GLY A 78 -9.13 26.30 -5.32
N TYR A 79 -10.27 26.10 -5.98
CA TYR A 79 -10.68 24.75 -6.38
C TYR A 79 -11.56 24.79 -7.63
N SER A 80 -12.01 23.60 -8.04
CA SER A 80 -12.77 23.39 -9.26
C SER A 80 -13.72 22.22 -9.04
N THR A 81 -14.90 22.28 -9.67
CA THR A 81 -15.85 21.18 -9.65
C THR A 81 -16.15 20.66 -11.05
N LYS A 82 -15.62 21.31 -12.08
CA LYS A 82 -15.89 20.98 -13.45
C LYS A 82 -14.52 20.85 -14.11
N PRO A 83 -14.15 19.66 -14.63
CA PRO A 83 -14.82 18.37 -14.79
C PRO A 83 -15.33 17.72 -13.51
N GLN A 84 -14.40 17.17 -12.73
CA GLN A 84 -14.74 16.69 -11.41
C GLN A 84 -14.00 17.51 -10.35
N LEU A 85 -14.20 17.08 -9.11
CA LEU A 85 -13.69 17.76 -7.95
C LEU A 85 -12.17 17.84 -8.00
N ALA A 86 -11.63 19.05 -7.81
CA ALA A 86 -10.20 19.32 -7.92
C ALA A 86 -9.80 20.42 -6.93
N ILE A 87 -8.51 20.73 -6.91
CA ILE A 87 -7.87 21.61 -5.93
C ILE A 87 -6.65 22.24 -6.55
N VAL A 88 -6.53 23.56 -6.44
CA VAL A 88 -5.42 24.28 -7.04
C VAL A 88 -4.67 24.97 -5.92
N THR A 89 -3.41 24.61 -5.76
CA THR A 89 -2.50 25.15 -4.78
C THR A 89 -1.26 25.65 -5.52
N GLN A 90 -0.44 26.42 -4.81
CA GLN A 90 0.75 27.01 -5.42
C GLN A 90 1.65 25.89 -5.91
N TRP A 91 2.20 26.03 -7.12
CA TRP A 91 3.16 25.05 -7.59
C TRP A 91 4.50 25.32 -6.90
N CYS A 92 5.07 24.32 -6.25
CA CYS A 92 6.41 24.47 -5.70
C CYS A 92 7.48 24.13 -6.71
N GLU A 93 8.24 25.16 -7.02
CA GLU A 93 9.59 25.01 -7.49
C GLU A 93 10.38 24.33 -6.38
N GLY A 94 11.00 23.20 -6.66
CA GLY A 94 11.92 22.60 -5.71
C GLY A 94 11.35 21.35 -5.04
N SER A 95 12.26 20.50 -4.56
CA SER A 95 11.83 19.17 -4.13
C SER A 95 11.33 19.19 -2.70
N SER A 96 10.54 18.17 -2.35
CA SER A 96 9.96 18.05 -1.03
C SER A 96 11.02 17.58 -0.05
N LEU A 97 10.77 17.80 1.25
CA LEU A 97 11.72 17.33 2.26
C LEU A 97 12.03 15.85 2.08
N TYR A 98 11.01 15.07 1.81
CA TYR A 98 11.19 13.65 1.66
C TYR A 98 12.15 13.36 0.53
N HIS A 99 12.02 14.07 -0.58
CA HIS A 99 12.93 13.84 -1.69
C HIS A 99 14.35 14.23 -1.31
N HIS A 100 14.49 15.34 -0.59
CA HIS A 100 15.80 15.80 -0.14
C HIS A 100 16.44 14.81 0.82
N LEU A 101 15.71 14.42 1.87
CA LEU A 101 16.31 13.52 2.84
C LEU A 101 16.51 12.13 2.27
N HIS A 102 15.57 11.62 1.51
CA HIS A 102 15.56 10.19 1.27
C HIS A 102 15.78 9.78 -0.15
N ILE A 103 15.72 10.68 -1.08
CA ILE A 103 15.99 10.34 -2.47
C ILE A 103 17.28 10.99 -2.94
N ILE A 104 17.38 12.31 -2.84
CA ILE A 104 18.63 12.90 -3.28
C ILE A 104 19.69 12.77 -2.21
N GLU A 105 19.28 12.63 -0.95
CA GLU A 105 20.17 12.61 0.23
C GLU A 105 20.99 13.90 0.32
N THR A 106 20.32 15.03 0.14
CA THR A 106 20.94 16.33 0.31
C THR A 106 21.71 16.40 1.62
N LYS A 107 22.96 16.85 1.54
CA LYS A 107 23.83 16.91 2.71
C LYS A 107 23.67 18.26 3.38
N PHE A 108 22.59 18.39 4.14
CA PHE A 108 22.34 19.63 4.85
C PHE A 108 23.28 19.79 5.99
N GLU A 109 23.64 21.04 6.24
CA GLU A 109 24.40 21.37 7.41
C GLU A 109 23.55 21.27 8.67
N MET A 110 24.22 20.96 9.78
CA MET A 110 23.51 20.83 11.08
C MET A 110 22.62 22.07 11.33
N ILE A 111 23.15 23.28 11.17
CA ILE A 111 22.31 24.44 11.51
C ILE A 111 21.11 24.53 10.58
N LYS A 112 21.32 24.25 9.31
CA LYS A 112 20.22 24.31 8.36
C LYS A 112 19.15 23.27 8.70
N LEU A 113 19.55 22.08 9.14
CA LEU A 113 18.55 21.11 9.60
C LEU A 113 17.68 21.71 10.68
N ILE A 114 18.28 22.29 11.72
CA ILE A 114 17.52 22.95 12.78
C ILE A 114 16.56 23.96 12.18
N ASP A 115 17.08 24.79 11.27
CA ASP A 115 16.25 25.85 10.71
C ASP A 115 15.11 25.30 9.86
N ILE A 116 15.28 24.13 9.24
CA ILE A 116 14.14 23.49 8.59
C ILE A 116 13.09 23.15 9.64
N ALA A 117 13.52 22.68 10.80
CA ALA A 117 12.56 22.30 11.82
C ALA A 117 11.93 23.53 12.45
N ARG A 118 12.73 24.58 12.62
CA ARG A 118 12.23 25.84 13.15
C ARG A 118 11.17 26.43 12.22
N GLN A 119 11.52 26.64 10.95
CA GLN A 119 10.55 27.10 9.97
C GLN A 119 9.33 26.22 9.90
N THR A 120 9.42 24.97 10.30
CA THR A 120 8.23 24.12 10.18
C THR A 120 7.32 24.30 11.39
N ALA A 121 7.88 24.35 12.60
CA ALA A 121 7.02 24.67 13.73
C ALA A 121 6.45 26.07 13.54
N GLN A 122 7.25 26.93 12.95
CA GLN A 122 6.80 28.26 12.58
C GLN A 122 5.44 28.23 11.88
N GLY A 123 5.32 27.37 10.88
CA GLY A 123 4.11 27.33 10.08
C GLY A 123 3.03 26.56 10.78
N MET A 124 3.38 25.37 11.26
CA MET A 124 2.42 24.55 11.99
C MET A 124 1.78 25.32 13.12
N ASP A 125 2.52 26.22 13.74
CA ASP A 125 1.92 27.03 14.80
C ASP A 125 0.82 27.91 14.24
N TYR A 126 1.08 28.54 13.09
CA TYR A 126 0.06 29.40 12.48
C TYR A 126 -1.23 28.62 12.25
N LEU A 127 -1.12 27.44 11.64
CA LEU A 127 -2.26 26.55 11.53
C LEU A 127 -3.02 26.45 12.85
N HIS A 128 -2.38 25.91 13.89
CA HIS A 128 -3.06 25.69 15.16
C HIS A 128 -3.61 26.98 15.74
N ALA A 129 -2.87 28.07 15.54
CA ALA A 129 -3.37 29.38 15.93
C ALA A 129 -4.65 29.71 15.19
N LYS A 130 -4.72 29.46 13.87
CA LYS A 130 -6.01 29.59 13.18
C LYS A 130 -6.87 28.31 13.30
N SER A 131 -6.66 27.47 14.33
CA SER A 131 -7.55 26.34 14.67
C SER A 131 -7.74 25.40 13.50
N ILE A 132 -6.63 25.02 12.90
CA ILE A 132 -6.60 24.12 11.78
C ILE A 132 -5.75 22.93 12.18
N ILE A 133 -6.33 21.76 12.14
CA ILE A 133 -5.55 20.54 12.30
C ILE A 133 -5.06 20.12 10.93
N HIS A 134 -3.80 19.71 10.85
CA HIS A 134 -3.26 19.32 9.57
C HIS A 134 -3.74 17.95 9.14
N ARG A 135 -3.66 16.99 10.05
CA ARG A 135 -4.07 15.61 9.87
C ARG A 135 -3.02 14.82 9.12
N ASP A 136 -2.32 15.46 8.17
CA ASP A 136 -1.46 14.70 7.26
C ASP A 136 -0.09 15.37 7.14
N LEU A 137 0.53 15.71 8.27
CA LEU A 137 1.88 16.26 8.22
C LEU A 137 2.86 15.12 8.03
N LYS A 138 3.69 15.22 7.01
CA LYS A 138 4.73 14.24 6.70
C LYS A 138 5.78 14.99 5.89
N SER A 139 6.92 14.37 5.64
CA SER A 139 7.92 15.20 4.97
C SER A 139 7.62 15.32 3.50
N ASN A 140 6.70 14.52 2.99
CA ASN A 140 6.30 14.66 1.60
C ASN A 140 5.50 15.93 1.37
N ASN A 141 4.98 16.55 2.45
CA ASN A 141 4.16 17.75 2.42
C ASN A 141 4.88 18.96 2.98
N ILE A 142 6.20 18.94 2.91
CA ILE A 142 7.06 20.07 3.24
C ILE A 142 7.98 20.22 2.06
N PHE A 143 7.85 21.33 1.35
CA PHE A 143 8.69 21.64 0.20
C PHE A 143 9.69 22.71 0.60
N LEU A 144 10.80 22.76 -0.13
CA LEU A 144 11.87 23.70 0.18
C LEU A 144 11.99 24.64 -1.00
N HIS A 145 11.17 25.70 -0.96
CA HIS A 145 10.99 26.68 -2.02
C HIS A 145 12.28 27.46 -2.20
N GLU A 146 12.94 27.28 -3.36
CA GLU A 146 14.24 27.87 -3.66
C GLU A 146 15.31 27.41 -2.66
N ASP A 147 15.11 26.21 -2.11
CA ASP A 147 15.96 25.55 -1.13
C ASP A 147 16.06 26.32 0.20
N LEU A 148 15.61 27.57 0.22
CA LEU A 148 15.72 28.39 1.42
C LEU A 148 14.54 28.17 2.38
N THR A 149 13.36 28.66 2.00
CA THR A 149 12.17 28.72 2.84
C THR A 149 11.42 27.39 2.85
N VAL A 150 10.73 27.13 3.97
CA VAL A 150 9.90 25.93 4.14
C VAL A 150 8.43 26.26 3.83
N LYS A 151 7.77 25.39 3.08
CA LYS A 151 6.37 25.55 2.73
C LYS A 151 5.67 24.25 3.05
N ILE A 152 4.67 24.32 3.93
CA ILE A 152 3.84 23.18 4.33
C ILE A 152 2.55 23.21 3.51
N GLY A 153 2.27 22.14 2.77
CA GLY A 153 1.04 22.01 2.01
C GLY A 153 0.23 20.81 2.46
N ASP A 154 -0.90 20.58 1.79
CA ASP A 154 -1.78 19.44 2.06
C ASP A 154 -2.34 19.44 3.49
N PHE A 155 -2.80 20.59 3.96
CA PHE A 155 -3.37 20.68 5.31
C PHE A 155 -4.90 20.66 5.26
N GLY A 156 -5.52 20.35 6.39
CA GLY A 156 -6.98 20.35 6.47
C GLY A 156 -7.67 19.34 5.55
N LEU A 157 -8.79 19.77 4.95
CA LEU A 157 -9.54 18.98 3.95
C LEU A 157 -10.11 17.68 4.50
N ALA A 158 -10.45 17.66 5.79
CA ALA A 158 -10.97 16.44 6.40
C ALA A 158 -12.15 15.87 5.61
N THR A 159 -13.01 16.74 5.10
CA THR A 159 -14.18 16.28 4.38
C THR A 159 -13.86 15.48 3.12
N VAL A 160 -12.65 15.59 2.56
CA VAL A 160 -12.30 14.84 1.36
C VAL A 160 -11.14 13.87 1.57
N LYS A 161 -10.62 13.76 2.79
CA LYS A 161 -9.68 12.71 3.17
C LYS A 161 -10.40 11.46 3.67
N SER A 162 -11.73 11.51 3.66
CA SER A 162 -12.61 10.39 3.87
C SER A 162 -13.59 10.31 2.69
N ARG A 163 -14.29 9.18 2.56
CA ARG A 163 -15.34 9.06 1.55
C ARG A 163 -16.68 8.98 2.25
N TRP A 164 -17.74 9.38 1.55
CA TRP A 164 -19.03 9.62 2.19
C TRP A 164 -20.09 8.65 1.69
N SER A 165 -21.02 8.33 2.61
CA SER A 165 -22.28 7.63 2.30
C SER A 165 -23.43 8.40 2.97
N GLY A 166 -23.73 9.58 2.43
CA GLY A 166 -24.80 10.40 2.96
C GLY A 166 -24.29 11.63 3.69
N SER A 167 -24.58 11.71 4.99
CA SER A 167 -24.05 12.76 5.86
C SER A 167 -23.07 12.24 6.91
N HIS A 168 -22.59 10.99 6.76
CA HIS A 168 -21.61 10.40 7.66
C HIS A 168 -20.38 9.99 6.84
N GLN A 169 -19.18 10.36 7.28
CA GLN A 169 -17.98 9.94 6.56
C GLN A 169 -17.12 9.06 7.45
N PHE A 170 -16.76 7.88 6.92
CA PHE A 170 -15.88 6.96 7.61
C PHE A 170 -14.44 7.41 7.37
N GLU A 171 -13.69 7.58 8.46
CA GLU A 171 -12.31 8.07 8.37
C GLU A 171 -11.37 6.87 8.19
N GLN A 172 -10.74 6.78 7.02
CA GLN A 172 -9.89 5.66 6.63
C GLN A 172 -8.43 6.05 6.69
N LEU A 173 -7.61 5.19 7.26
CA LEU A 173 -6.18 5.32 7.09
C LEU A 173 -5.88 5.22 5.60
N SER A 174 -5.13 6.19 5.09
CA SER A 174 -4.77 6.17 3.70
C SER A 174 -3.33 6.66 3.59
N GLY A 175 -2.65 6.07 2.63
CA GLY A 175 -1.34 6.57 2.28
C GLY A 175 -0.31 6.02 3.23
N SER A 176 0.53 6.92 3.75
CA SER A 176 1.55 6.40 4.63
C SER A 176 1.24 6.75 6.07
N ILE A 177 1.68 5.81 6.89
CA ILE A 177 1.31 5.70 8.28
C ILE A 177 2.43 6.10 9.19
N LEU A 178 3.65 6.23 8.66
CA LEU A 178 4.81 6.44 9.51
C LEU A 178 4.64 7.63 10.42
N TRP A 179 3.89 8.64 9.99
CA TRP A 179 3.68 9.81 10.82
C TRP A 179 2.42 9.73 11.70
N MET A 180 1.62 8.69 11.59
CA MET A 180 0.35 8.68 12.30
C MET A 180 0.60 8.41 13.77
N ALA A 181 0.22 9.35 14.62
CA ALA A 181 0.15 9.09 16.04
C ALA A 181 -0.62 7.80 16.29
N PRO A 182 -0.36 7.14 17.43
CA PRO A 182 -1.00 5.83 17.68
C PRO A 182 -2.50 5.90 17.85
N GLU A 183 -3.02 7.01 18.36
CA GLU A 183 -4.47 7.17 18.45
C GLU A 183 -5.10 7.33 17.08
N VAL A 184 -4.37 7.92 16.13
CA VAL A 184 -4.85 7.99 14.75
C VAL A 184 -4.81 6.61 14.08
N ILE A 185 -3.73 5.87 14.30
CA ILE A 185 -3.71 4.47 13.88
C ILE A 185 -4.98 3.75 14.32
N ARG A 186 -5.26 3.75 15.64
CA ARG A 186 -6.31 2.91 16.20
C ARG A 186 -7.68 3.28 15.67
N MET A 187 -7.92 4.58 15.45
CA MET A 187 -9.20 5.11 15.01
C MET A 187 -10.30 4.81 16.01
N GLN A 188 -9.94 4.48 17.23
CA GLN A 188 -10.95 4.10 18.20
C GLN A 188 -11.51 5.27 18.97
N ASP A 189 -10.94 6.47 18.80
CA ASP A 189 -11.37 7.64 19.57
C ASP A 189 -12.47 8.38 18.81
N LYS A 190 -12.93 9.51 19.36
CA LYS A 190 -14.04 10.27 18.79
C LYS A 190 -13.57 10.91 17.50
N ASN A 191 -12.99 12.12 17.56
CA ASN A 191 -12.09 12.46 16.48
C ASN A 191 -10.70 12.23 17.04
N PRO A 192 -9.93 11.29 16.50
CA PRO A 192 -8.56 11.07 16.99
C PRO A 192 -7.58 12.07 16.45
N TYR A 193 -7.91 12.75 15.35
CA TYR A 193 -7.06 13.79 14.84
C TYR A 193 -7.13 14.99 15.77
N SER A 194 -5.96 15.50 16.17
CA SER A 194 -5.87 16.54 17.19
C SER A 194 -4.60 17.34 17.00
N PHE A 195 -4.47 18.43 17.77
CA PHE A 195 -3.23 19.21 17.71
C PHE A 195 -2.02 18.35 18.10
N GLN A 196 -2.24 17.25 18.83
CA GLN A 196 -1.10 16.39 19.19
C GLN A 196 -0.86 15.31 18.15
N SER A 197 -1.91 14.85 17.47
CA SER A 197 -1.69 14.00 16.31
C SER A 197 -0.82 14.71 15.27
N ASP A 198 -0.96 16.05 15.16
CA ASP A 198 -0.05 16.86 14.33
C ASP A 198 1.32 16.98 14.97
N VAL A 199 1.35 17.26 16.27
CA VAL A 199 2.63 17.33 16.98
C VAL A 199 3.36 16.01 16.87
N TYR A 200 2.67 14.89 17.08
CA TYR A 200 3.33 13.60 16.94
C TYR A 200 3.94 13.47 15.54
N ALA A 201 3.19 13.87 14.50
CA ALA A 201 3.73 13.81 13.15
C ALA A 201 5.03 14.56 13.08
N PHE A 202 5.00 15.82 13.47
CA PHE A 202 6.19 16.64 13.60
C PHE A 202 7.34 15.90 14.28
N GLY A 203 7.02 15.13 15.33
CA GLY A 203 8.04 14.32 15.99
C GLY A 203 8.73 13.36 15.04
N ILE A 204 7.95 12.70 14.17
CA ILE A 204 8.55 11.79 13.20
C ILE A 204 9.40 12.57 12.20
N VAL A 205 8.89 13.73 11.78
CA VAL A 205 9.67 14.57 10.89
C VAL A 205 11.01 14.91 11.52
N LEU A 206 11.01 15.28 12.80
CA LEU A 206 12.28 15.50 13.49
C LEU A 206 13.17 14.27 13.39
N TYR A 207 12.59 13.08 13.55
CA TYR A 207 13.37 11.86 13.44
C TYR A 207 14.03 11.79 12.09
N GLU A 208 13.29 12.08 11.02
CA GLU A 208 13.91 12.10 9.69
C GLU A 208 15.09 13.04 9.67
N LEU A 209 14.90 14.28 10.11
CA LEU A 209 15.99 15.25 10.16
C LEU A 209 17.16 14.79 11.02
N MET A 210 16.89 14.32 12.23
CA MET A 210 17.99 13.98 13.12
C MET A 210 18.69 12.68 12.72
N THR A 211 18.02 11.77 12.04
CA THR A 211 18.62 10.49 11.73
C THR A 211 18.98 10.31 10.26
N GLY A 212 18.37 11.08 9.35
CA GLY A 212 18.51 10.82 7.94
C GLY A 212 17.75 9.62 7.44
N GLN A 213 16.93 9.00 8.29
CA GLN A 213 16.19 7.79 7.98
C GLN A 213 14.71 8.02 8.30
N LEU A 214 13.87 7.24 7.64
CA LEU A 214 12.53 7.03 8.14
C LEU A 214 12.57 6.11 9.36
N PRO A 215 11.54 6.16 10.19
CA PRO A 215 11.50 5.30 11.35
C PRO A 215 11.21 3.88 10.93
N TYR A 216 11.27 2.97 11.90
CA TYR A 216 11.03 1.55 11.66
C TYR A 216 11.73 1.08 10.38
N SER A 217 13.02 1.43 10.27
CA SER A 217 13.80 1.12 9.08
C SER A 217 14.04 -0.37 8.95
N ASN A 218 13.84 -1.13 10.01
CA ASN A 218 14.23 -2.53 10.10
C ASN A 218 13.03 -3.48 10.06
N ILE A 219 11.90 -3.03 9.52
CA ILE A 219 10.64 -3.76 9.59
C ILE A 219 10.05 -3.67 8.18
N ASN A 220 10.29 -4.66 7.34
CA ASN A 220 9.66 -4.50 6.03
C ASN A 220 8.24 -5.05 6.01
N ASN A 221 7.43 -4.76 7.04
CA ASN A 221 6.05 -5.22 7.12
C ASN A 221 5.16 -4.05 7.48
N ARG A 222 4.17 -3.76 6.65
CA ARG A 222 3.43 -2.55 6.94
C ARG A 222 2.45 -2.81 8.07
N ASP A 223 1.61 -3.84 7.89
CA ASP A 223 0.58 -4.15 8.87
C ASP A 223 1.17 -4.37 10.26
N GLN A 224 2.34 -5.00 10.33
CA GLN A 224 3.08 -5.11 11.59
C GLN A 224 3.22 -3.75 12.26
N ILE A 225 3.71 -2.75 11.55
CA ILE A 225 3.85 -1.41 12.10
C ILE A 225 2.51 -0.88 12.62
N ILE A 226 1.45 -0.99 11.79
CA ILE A 226 0.13 -0.50 12.17
C ILE A 226 -0.31 -1.08 13.51
N PHE A 227 -0.34 -2.42 13.59
CA PHE A 227 -0.77 -3.09 14.81
C PHE A 227 0.06 -2.61 15.99
N MET A 228 1.38 -2.72 15.88
CA MET A 228 2.28 -2.44 17.00
C MET A 228 2.27 -0.98 17.41
N VAL A 229 2.22 -0.05 16.47
CA VAL A 229 2.16 1.32 16.95
C VAL A 229 0.82 1.58 17.63
N GLY A 230 -0.27 1.13 17.02
CA GLY A 230 -1.56 1.28 17.66
C GLY A 230 -1.61 0.67 19.05
N ARG A 231 -1.06 -0.53 19.21
CA ARG A 231 -1.09 -1.22 20.49
C ARG A 231 -0.06 -0.69 21.47
N GLY A 232 0.73 0.31 21.09
CA GLY A 232 1.75 0.86 21.95
C GLY A 232 3.04 0.07 21.98
N TYR A 233 3.10 -1.04 21.29
CA TYR A 233 4.26 -1.89 21.42
C TYR A 233 5.47 -1.36 20.64
N LEU A 234 5.33 -0.34 19.79
CA LEU A 234 6.38 0.08 18.86
C LEU A 234 6.49 1.60 18.80
N SER A 235 7.73 2.09 18.81
CA SER A 235 8.05 3.49 18.69
C SER A 235 9.43 3.61 18.08
N PRO A 236 9.78 4.77 17.53
CA PRO A 236 11.03 4.87 16.76
C PRO A 236 12.25 4.59 17.60
N ASP A 237 13.22 3.94 17.00
CA ASP A 237 14.51 3.74 17.65
C ASP A 237 15.29 5.04 17.61
N LEU A 238 15.41 5.71 18.76
CA LEU A 238 16.01 7.04 18.81
C LEU A 238 17.53 7.05 18.94
N SER A 239 18.17 5.90 19.15
CA SER A 239 19.63 5.88 19.13
C SER A 239 20.16 6.25 17.76
N LYS A 240 19.38 5.96 16.72
CA LYS A 240 19.68 6.30 15.35
C LYS A 240 19.83 7.80 15.13
N VAL A 241 19.63 8.65 16.15
CA VAL A 241 19.90 10.08 16.00
C VAL A 241 21.38 10.27 15.73
N ARG A 242 21.68 11.02 14.67
CA ARG A 242 23.05 11.22 14.22
C ARG A 242 23.87 11.78 15.38
N SER A 243 25.17 11.49 15.35
CA SER A 243 26.01 11.70 16.52
C SER A 243 25.97 13.16 17.00
N ASN A 244 25.94 14.11 16.08
CA ASN A 244 26.11 15.53 16.41
C ASN A 244 24.79 16.28 16.40
N CYS A 245 23.77 15.64 16.96
CA CYS A 245 22.46 16.33 17.03
C CYS A 245 22.28 16.91 18.46
N PRO A 246 21.95 18.22 18.67
CA PRO A 246 21.88 18.77 20.04
C PRO A 246 21.17 17.88 21.05
N LYS A 247 21.80 17.68 22.21
CA LYS A 247 21.12 16.95 23.29
C LYS A 247 19.74 17.56 23.52
N ALA A 248 19.64 18.90 23.49
CA ALA A 248 18.38 19.60 23.69
C ALA A 248 17.38 19.24 22.59
N MET A 249 17.89 18.85 21.44
CA MET A 249 17.07 18.48 20.30
C MET A 249 16.45 17.11 20.46
N LYS A 250 17.29 16.10 20.66
CA LYS A 250 16.79 14.75 20.89
C LYS A 250 15.63 14.77 21.87
N ARG A 251 15.78 15.50 22.99
CA ARG A 251 14.72 15.55 24.00
C ARG A 251 13.43 16.13 23.43
N LEU A 252 13.53 17.23 22.70
CA LEU A 252 12.32 17.82 22.11
C LEU A 252 11.60 16.81 21.26
N MET A 253 12.34 16.03 20.48
CA MET A 253 11.72 15.04 19.63
C MET A 253 10.96 14.00 20.46
N ALA A 254 11.55 13.57 21.57
CA ALA A 254 10.86 12.56 22.38
C ALA A 254 9.60 13.08 23.04
N GLU A 255 9.51 14.38 23.33
CA GLU A 255 8.24 14.90 23.87
C GLU A 255 7.12 14.76 22.86
N CYS A 256 7.39 15.05 21.59
CA CYS A 256 6.32 15.01 20.59
C CYS A 256 5.85 13.60 20.37
N LEU A 257 6.75 12.63 20.52
CA LEU A 257 6.52 11.23 20.25
C LEU A 257 5.85 10.51 21.42
N LYS A 258 5.49 11.21 22.49
CA LYS A 258 4.84 10.59 23.64
C LYS A 258 3.59 9.79 23.21
N LYS A 259 3.55 8.51 23.63
CA LYS A 259 2.50 7.60 23.19
C LYS A 259 1.11 8.14 23.56
N LYS A 260 0.93 8.49 24.83
CA LYS A 260 -0.32 9.10 25.29
C LYS A 260 -0.35 10.55 24.83
N ARG A 261 -1.38 10.91 24.03
CA ARG A 261 -1.34 12.13 23.25
C ARG A 261 -1.18 13.35 24.14
N ASP A 262 -1.64 13.25 25.38
CA ASP A 262 -1.78 14.40 26.25
C ASP A 262 -0.48 14.78 26.95
N GLU A 263 0.57 13.98 26.80
CA GLU A 263 1.89 14.40 27.23
C GLU A 263 2.66 15.15 26.16
N ARG A 264 2.10 15.28 24.94
CA ARG A 264 2.83 15.97 23.89
C ARG A 264 2.71 17.48 24.05
N PRO A 265 3.78 18.24 23.78
CA PRO A 265 3.69 19.70 23.85
C PRO A 265 2.85 20.26 22.71
N LEU A 266 2.50 21.55 22.84
CA LEU A 266 1.76 22.24 21.77
C LEU A 266 2.79 23.06 21.00
N PHE A 267 2.42 23.64 19.84
CA PHE A 267 3.45 24.27 19.03
C PHE A 267 3.98 25.57 19.59
N PRO A 268 3.16 26.40 20.22
CA PRO A 268 3.70 27.51 20.98
C PRO A 268 4.95 27.15 21.78
N GLN A 269 4.90 26.13 22.65
CA GLN A 269 6.12 25.72 23.37
C GLN A 269 7.16 25.06 22.47
N ILE A 270 6.74 24.32 21.44
CA ILE A 270 7.72 23.60 20.60
C ILE A 270 8.61 24.60 19.87
N LEU A 271 7.97 25.56 19.21
CA LEU A 271 8.72 26.56 18.46
C LEU A 271 9.70 27.28 19.37
N ALA A 272 9.32 27.47 20.64
CA ALA A 272 10.18 28.16 21.60
C ALA A 272 11.45 27.36 21.85
N SER A 273 11.29 26.06 22.14
CA SER A 273 12.42 25.20 22.37
C SER A 273 13.45 25.31 21.23
N ILE A 274 12.98 25.37 19.97
CA ILE A 274 13.91 25.34 18.85
C ILE A 274 14.70 26.63 18.78
N GLU A 275 14.03 27.77 18.86
CA GLU A 275 14.73 29.04 18.77
C GLU A 275 15.75 29.19 19.89
N LEU A 276 15.40 28.70 21.08
CA LEU A 276 16.39 28.58 22.14
C LEU A 276 17.56 27.72 21.70
N LEU A 277 17.27 26.59 21.06
CA LEU A 277 18.30 25.69 20.59
C LEU A 277 19.06 26.31 19.41
N ALA A 278 18.37 27.10 18.59
CA ALA A 278 19.00 27.79 17.47
C ALA A 278 20.03 28.80 17.95
N ARG A 279 19.58 29.78 18.76
CA ARG A 279 20.44 30.82 19.31
C ARG A 279 21.71 30.22 19.89
N SER A 280 21.56 29.46 20.97
CA SER A 280 22.68 28.82 21.65
C SER A 280 23.27 27.71 20.77
N LEU A 281 24.07 28.11 19.78
CA LEU A 281 24.56 27.13 18.82
C LEU A 281 25.82 27.65 18.15
N PRO A 282 27.00 27.04 18.46
CA PRO A 282 28.34 27.54 18.09
C PRO A 282 28.46 28.03 16.64
N LEU B 46 7.45 -34.18 -13.30
CA LEU B 46 6.29 -33.31 -13.48
C LEU B 46 5.20 -34.00 -14.36
N ASP B 47 4.88 -33.47 -15.54
CA ASP B 47 3.91 -34.10 -16.44
C ASP B 47 4.34 -33.87 -17.88
N GLU B 48 3.76 -34.64 -18.80
CA GLU B 48 4.07 -34.47 -20.21
C GLU B 48 3.49 -33.17 -20.74
N GLN B 49 2.22 -32.88 -20.43
CA GLN B 49 1.63 -31.66 -20.93
C GLN B 49 2.23 -30.41 -20.29
N GLN B 50 2.76 -30.54 -19.07
CA GLN B 50 3.42 -29.40 -18.43
C GLN B 50 4.77 -29.10 -19.07
N ARG B 51 5.56 -30.14 -19.36
CA ARG B 51 6.83 -29.97 -20.05
C ARG B 51 6.67 -29.37 -21.44
N LYS B 52 5.53 -29.59 -22.11
CA LYS B 52 5.22 -28.84 -23.32
C LYS B 52 5.13 -27.35 -23.00
N ARG B 53 4.34 -27.00 -21.99
CA ARG B 53 4.08 -25.60 -21.69
C ARG B 53 5.32 -24.89 -21.17
N LEU B 54 6.15 -25.60 -20.38
CA LEU B 54 7.34 -24.97 -19.82
C LEU B 54 8.40 -24.70 -20.89
N GLU B 55 8.54 -25.57 -21.87
CA GLU B 55 9.46 -25.30 -22.96
C GLU B 55 8.89 -24.31 -23.97
N ALA B 56 7.58 -24.34 -24.19
CA ALA B 56 6.95 -23.37 -25.07
C ALA B 56 7.20 -21.94 -24.60
N PHE B 57 7.19 -21.72 -23.28
CA PHE B 57 7.53 -20.41 -22.75
C PHE B 57 9.00 -20.09 -23.01
N LEU B 58 9.90 -20.99 -22.57
CA LEU B 58 11.33 -20.78 -22.74
C LEU B 58 11.68 -20.37 -24.16
N THR B 59 11.01 -20.97 -25.14
CA THR B 59 11.26 -20.65 -26.55
C THR B 59 10.66 -19.31 -26.92
N GLN B 60 9.44 -19.01 -26.45
CA GLN B 60 8.89 -17.69 -26.67
C GLN B 60 9.72 -16.61 -25.98
N LYS B 61 10.49 -16.98 -24.96
CA LYS B 61 11.33 -16.03 -24.24
C LYS B 61 12.64 -15.73 -24.96
N GLN B 62 13.09 -16.59 -25.88
CA GLN B 62 14.30 -16.32 -26.66
C GLN B 62 14.12 -15.18 -27.65
N LYS B 63 12.92 -15.06 -28.23
CA LYS B 63 12.56 -13.95 -29.11
C LYS B 63 12.50 -12.61 -28.36
N VAL B 64 12.71 -12.59 -27.04
CA VAL B 64 12.67 -11.37 -26.26
C VAL B 64 14.11 -10.94 -25.92
N GLY B 65 14.44 -9.69 -26.20
CA GLY B 65 15.75 -9.18 -25.86
C GLY B 65 15.66 -8.10 -24.81
N GLU B 66 16.37 -7.00 -25.03
CA GLU B 66 16.22 -5.89 -24.12
C GLU B 66 14.79 -5.40 -24.21
N LEU B 67 14.20 -5.14 -23.06
CA LEU B 67 12.84 -4.61 -23.05
C LEU B 67 12.95 -3.08 -23.03
N LYS B 68 12.74 -2.45 -24.19
CA LYS B 68 12.66 -1.00 -24.28
C LYS B 68 11.19 -0.58 -24.20
N ASP B 69 10.93 0.53 -23.49
CA ASP B 69 9.55 1.02 -23.41
C ASP B 69 8.93 1.34 -24.78
N ASP B 70 9.74 1.68 -25.79
CA ASP B 70 9.17 1.99 -27.11
C ASP B 70 8.88 0.74 -27.93
N ASP B 71 9.40 -0.38 -27.52
CA ASP B 71 9.09 -1.69 -28.02
C ASP B 71 7.69 -2.20 -27.61
N PHE B 72 6.78 -1.39 -27.06
CA PHE B 72 5.50 -1.84 -26.52
C PHE B 72 4.34 -1.06 -27.11
N GLU B 73 3.24 -1.77 -27.36
CA GLU B 73 1.97 -1.16 -27.70
C GLU B 73 0.93 -1.58 -26.66
N LYS B 74 0.40 -0.59 -25.94
CA LYS B 74 -0.76 -0.77 -25.05
C LYS B 74 -1.96 -1.32 -25.81
N ILE B 75 -2.49 -2.45 -25.35
CA ILE B 75 -3.79 -2.95 -25.80
C ILE B 75 -4.89 -2.43 -24.86
N SER B 76 -4.99 -3.02 -23.66
CA SER B 76 -6.08 -2.72 -22.76
C SER B 76 -5.55 -2.66 -21.35
N GLU B 77 -6.21 -1.88 -20.49
CA GLU B 77 -5.91 -1.93 -19.07
C GLU B 77 -6.49 -3.17 -18.43
N LEU B 78 -5.69 -3.80 -17.56
CA LEU B 78 -6.07 -4.99 -16.82
C LEU B 78 -6.47 -4.67 -15.41
N GLY B 79 -6.48 -3.40 -15.08
CA GLY B 79 -6.77 -2.91 -13.75
C GLY B 79 -5.52 -2.39 -13.06
N ALA B 80 -5.75 -1.54 -12.07
CA ALA B 80 -4.74 -1.15 -11.09
C ALA B 80 -4.80 -2.08 -9.88
N GLY B 81 -3.79 -1.95 -9.04
CA GLY B 81 -3.82 -2.51 -7.72
C GLY B 81 -3.63 -1.40 -6.73
N ASN B 82 -3.02 -1.75 -5.59
CA ASN B 82 -2.63 -0.78 -4.58
C ASN B 82 -1.11 -0.69 -4.48
N GLY B 83 -0.44 -1.06 -5.55
CA GLY B 83 0.97 -0.81 -5.72
C GLY B 83 1.24 -0.31 -7.11
N GLY B 84 0.78 -1.05 -8.13
CA GLY B 84 1.03 -0.69 -9.51
C GLY B 84 -0.24 -0.73 -10.34
N VAL B 85 -0.09 -0.44 -11.63
CA VAL B 85 -1.21 -0.61 -12.52
C VAL B 85 -0.69 -1.46 -13.66
N VAL B 86 -1.57 -2.22 -14.31
CA VAL B 86 -1.16 -3.29 -15.22
C VAL B 86 -1.80 -3.13 -16.58
N PHE B 87 -1.07 -3.47 -17.61
CA PHE B 87 -1.61 -3.36 -18.96
C PHE B 87 -1.35 -4.65 -19.73
N LYS B 88 -2.34 -5.09 -20.49
CA LYS B 88 -2.10 -6.06 -21.55
C LYS B 88 -1.42 -5.32 -22.68
N VAL B 89 -0.32 -5.87 -23.20
CA VAL B 89 0.52 -5.10 -24.12
C VAL B 89 1.10 -6.06 -25.14
N SER B 90 1.52 -5.49 -26.28
CA SER B 90 2.14 -6.26 -27.34
C SER B 90 3.60 -5.83 -27.47
N HIS B 91 4.53 -6.78 -27.38
CA HIS B 91 5.96 -6.47 -27.51
C HIS B 91 6.30 -6.44 -28.99
N LYS B 92 6.42 -5.21 -29.53
CA LYS B 92 6.59 -4.98 -30.95
C LYS B 92 7.66 -5.92 -31.50
N PRO B 93 8.97 -5.81 -31.08
CA PRO B 93 9.98 -6.78 -31.57
C PRO B 93 9.52 -8.23 -31.66
N SER B 94 9.26 -8.88 -30.52
CA SER B 94 8.95 -10.31 -30.54
C SER B 94 7.55 -10.63 -31.04
N GLY B 95 6.63 -9.67 -31.00
CA GLY B 95 5.24 -9.93 -31.29
C GLY B 95 4.46 -10.57 -30.17
N LEU B 96 5.07 -10.83 -29.02
CA LEU B 96 4.33 -11.53 -27.98
C LEU B 96 3.30 -10.62 -27.34
N VAL B 97 2.53 -11.22 -26.46
CA VAL B 97 1.55 -10.52 -25.66
C VAL B 97 1.81 -10.86 -24.20
N MET B 98 2.04 -9.82 -23.40
CA MET B 98 2.40 -9.97 -22.01
C MET B 98 1.51 -9.09 -21.17
N ALA B 99 1.80 -9.09 -19.87
CA ALA B 99 1.23 -8.12 -18.93
C ALA B 99 2.37 -7.26 -18.40
N ARG B 100 2.17 -5.95 -18.36
CA ARG B 100 3.22 -5.05 -17.91
C ARG B 100 2.77 -4.31 -16.66
N LYS B 101 3.22 -4.79 -15.51
CA LYS B 101 2.94 -4.13 -14.24
C LYS B 101 3.84 -2.90 -14.09
N LEU B 102 3.26 -1.76 -13.74
CA LEU B 102 3.99 -0.50 -13.70
C LEU B 102 3.96 0.05 -12.28
N ILE B 103 5.10 0.08 -11.64
CA ILE B 103 5.20 0.54 -10.26
C ILE B 103 5.91 1.90 -10.28
N HIS B 104 5.15 2.96 -10.03
CA HIS B 104 5.71 4.30 -9.89
C HIS B 104 6.09 4.50 -8.43
N LEU B 105 7.38 4.51 -8.16
CA LEU B 105 7.88 4.66 -6.81
C LEU B 105 8.79 5.87 -6.71
N GLU B 106 8.94 6.30 -5.48
CA GLU B 106 9.82 7.40 -5.16
C GLU B 106 10.82 6.81 -4.19
N ILE B 107 11.90 6.29 -4.74
CA ILE B 107 12.97 5.75 -3.93
C ILE B 107 14.29 6.24 -4.46
N LYS B 108 15.30 6.25 -3.59
CA LYS B 108 16.60 6.69 -4.01
C LYS B 108 17.16 5.71 -5.02
N PRO B 109 17.89 6.21 -6.01
CA PRO B 109 18.34 5.36 -7.12
C PRO B 109 19.15 4.17 -6.68
N ALA B 110 19.99 4.30 -5.64
CA ALA B 110 20.74 3.14 -5.17
C ALA B 110 19.81 1.96 -4.92
N ILE B 111 18.67 2.21 -4.30
CA ILE B 111 17.76 1.15 -3.91
C ILE B 111 17.09 0.58 -5.15
N ARG B 112 16.53 1.46 -5.98
CA ARG B 112 15.90 1.07 -7.22
C ARG B 112 16.80 0.12 -8.01
N ASN B 113 18.07 0.46 -8.14
CA ASN B 113 19.00 -0.37 -8.91
C ASN B 113 19.19 -1.73 -8.27
N GLN B 114 19.09 -1.81 -6.96
CA GLN B 114 19.06 -3.10 -6.31
C GLN B 114 17.75 -3.86 -6.59
N ILE B 115 16.58 -3.22 -6.43
CA ILE B 115 15.33 -3.91 -6.75
C ILE B 115 15.38 -4.52 -8.15
N ILE B 116 15.86 -3.75 -9.13
CA ILE B 116 15.96 -4.30 -10.47
C ILE B 116 16.91 -5.48 -10.52
N ARG B 117 18.10 -5.35 -9.91
CA ARG B 117 19.01 -6.49 -9.81
C ARG B 117 18.30 -7.72 -9.28
N GLU B 118 17.47 -7.54 -8.23
CA GLU B 118 16.90 -8.68 -7.53
C GLU B 118 15.69 -9.27 -8.24
N LEU B 119 15.02 -8.47 -9.08
CA LEU B 119 13.95 -8.99 -9.92
C LEU B 119 14.51 -9.80 -11.07
N GLN B 120 15.80 -9.68 -11.38
CA GLN B 120 16.29 -10.58 -12.40
C GLN B 120 16.41 -12.02 -11.89
N VAL B 121 16.17 -12.25 -10.61
CA VAL B 121 16.12 -13.61 -10.09
C VAL B 121 14.92 -14.38 -10.66
N LEU B 122 13.88 -13.66 -11.12
CA LEU B 122 12.69 -14.31 -11.67
C LEU B 122 12.93 -14.92 -13.04
N HIS B 123 14.07 -14.68 -13.66
CA HIS B 123 14.32 -15.41 -14.88
C HIS B 123 14.58 -16.87 -14.57
N GLU B 124 14.85 -17.19 -13.31
CA GLU B 124 15.13 -18.54 -12.84
C GLU B 124 13.92 -19.27 -12.26
N CYS B 125 12.87 -18.57 -11.85
CA CYS B 125 11.62 -19.23 -11.46
C CYS B 125 10.99 -19.79 -12.71
N ASN B 126 10.93 -21.13 -12.81
CA ASN B 126 10.27 -21.74 -13.97
C ASN B 126 9.55 -23.02 -13.52
N SER B 127 8.34 -22.82 -13.00
CA SER B 127 7.41 -23.83 -12.57
C SER B 127 6.08 -23.63 -13.26
N PRO B 128 5.39 -24.68 -13.53
CA PRO B 128 4.02 -24.57 -14.04
C PRO B 128 3.05 -23.96 -13.03
N TYR B 129 3.50 -23.68 -11.82
CA TYR B 129 2.64 -23.05 -10.82
C TYR B 129 3.03 -21.61 -10.57
N ILE B 130 3.93 -21.08 -11.38
CA ILE B 130 4.40 -19.73 -11.21
C ILE B 130 4.25 -19.03 -12.54
N VAL B 131 3.65 -17.84 -12.51
CA VAL B 131 3.49 -17.04 -13.71
C VAL B 131 4.84 -16.87 -14.40
N GLY B 132 4.82 -16.84 -15.74
CA GLY B 132 6.06 -16.64 -16.46
C GLY B 132 6.58 -15.21 -16.36
N PHE B 133 7.88 -15.06 -16.44
CA PHE B 133 8.58 -13.78 -16.33
C PHE B 133 9.38 -13.50 -17.59
N TYR B 134 9.21 -12.30 -18.16
CA TYR B 134 9.90 -11.92 -19.38
C TYR B 134 11.01 -10.92 -19.17
N GLY B 135 11.00 -10.20 -18.06
CA GLY B 135 12.06 -9.24 -17.78
C GLY B 135 11.54 -8.13 -16.89
N ALA B 136 12.47 -7.33 -16.38
CA ALA B 136 12.07 -6.24 -15.52
C ALA B 136 13.03 -5.11 -15.77
N PHE B 137 12.51 -3.87 -15.75
CA PHE B 137 13.36 -2.72 -15.99
C PHE B 137 12.70 -1.44 -15.45
N TYR B 138 13.53 -0.39 -15.35
CA TYR B 138 13.12 0.93 -14.90
C TYR B 138 13.14 1.84 -16.12
N SER B 139 12.06 2.58 -16.32
CA SER B 139 12.08 3.62 -17.32
C SER B 139 11.07 4.69 -16.94
N ASP B 140 11.48 5.93 -17.11
CA ASP B 140 10.56 7.04 -16.99
C ASP B 140 9.90 7.12 -15.61
N GLY B 141 10.65 6.87 -14.56
CA GLY B 141 10.06 6.93 -13.25
C GLY B 141 9.31 5.70 -12.80
N GLU B 142 9.23 4.66 -13.63
CA GLU B 142 8.45 3.46 -13.31
C GLU B 142 9.21 2.16 -13.51
N ILE B 143 9.15 1.32 -12.50
CA ILE B 143 9.59 -0.04 -12.64
C ILE B 143 8.55 -0.80 -13.44
N SER B 144 8.99 -1.46 -14.50
CA SER B 144 8.14 -2.34 -15.28
C SER B 144 8.55 -3.77 -14.95
N ILE B 145 7.55 -4.61 -14.67
CA ILE B 145 7.72 -6.04 -14.57
C ILE B 145 6.91 -6.65 -15.68
N CYS B 146 7.55 -7.45 -16.52
CA CYS B 146 6.84 -8.06 -17.64
C CYS B 146 6.69 -9.56 -17.44
N MET B 147 5.47 -10.06 -17.65
CA MET B 147 5.03 -11.39 -17.27
C MET B 147 4.01 -11.90 -18.27
N GLU B 148 3.74 -13.20 -18.24
CA GLU B 148 2.78 -13.74 -19.19
C GLU B 148 1.36 -13.28 -18.87
N HIS B 149 0.59 -13.05 -19.93
CA HIS B 149 -0.82 -12.76 -19.74
C HIS B 149 -1.50 -14.02 -19.26
N MET B 150 -2.31 -13.90 -18.23
CA MET B 150 -3.20 -14.98 -17.83
C MET B 150 -4.59 -14.46 -18.13
N ASP B 151 -5.25 -15.07 -19.12
CA ASP B 151 -6.48 -14.43 -19.61
C ASP B 151 -7.64 -14.59 -18.65
N GLY B 152 -7.52 -15.41 -17.60
CA GLY B 152 -8.61 -15.56 -16.65
C GLY B 152 -8.62 -14.49 -15.59
N GLY B 153 -7.46 -13.92 -15.29
CA GLY B 153 -7.36 -12.88 -14.28
C GLY B 153 -6.93 -13.48 -12.97
N SER B 154 -7.02 -12.65 -11.94
CA SER B 154 -6.71 -13.13 -10.60
C SER B 154 -7.91 -13.85 -10.03
N LEU B 155 -7.66 -14.70 -9.04
CA LEU B 155 -8.81 -15.36 -8.43
C LEU B 155 -9.75 -14.36 -7.80
N ASP B 156 -9.22 -13.20 -7.41
CA ASP B 156 -10.11 -12.15 -6.92
C ASP B 156 -11.08 -11.68 -8.00
N GLN B 157 -10.57 -11.23 -9.16
CA GLN B 157 -11.42 -10.91 -10.33
C GLN B 157 -12.45 -11.99 -10.58
N VAL B 158 -12.02 -13.26 -10.54
CA VAL B 158 -12.91 -14.39 -10.78
C VAL B 158 -13.93 -14.55 -9.66
N LEU B 159 -13.49 -14.44 -8.41
CA LEU B 159 -14.43 -14.57 -7.30
C LEU B 159 -15.54 -13.54 -7.41
N LYS B 160 -15.22 -12.31 -7.83
CA LYS B 160 -16.30 -11.34 -7.99
C LYS B 160 -17.23 -11.77 -9.11
N LYS B 161 -16.68 -12.30 -10.20
CA LYS B 161 -17.54 -12.74 -11.29
C LYS B 161 -18.37 -13.96 -10.87
N ALA B 162 -18.01 -14.65 -9.77
CA ALA B 162 -18.65 -15.90 -9.43
C ALA B 162 -19.39 -15.92 -8.12
N GLY B 163 -19.45 -14.84 -7.37
CA GLY B 163 -20.13 -14.88 -6.08
C GLY B 163 -19.34 -15.57 -4.98
N ARG B 164 -19.37 -16.91 -4.99
CA ARG B 164 -18.58 -17.84 -4.19
C ARG B 164 -17.99 -18.84 -5.17
N ILE B 165 -17.01 -19.63 -4.73
CA ILE B 165 -16.36 -20.63 -5.58
C ILE B 165 -16.62 -22.03 -5.02
N PRO B 166 -16.72 -23.04 -5.87
CA PRO B 166 -17.05 -24.38 -5.40
C PRO B 166 -15.87 -25.09 -4.76
N GLU B 167 -16.20 -26.02 -3.87
CA GLU B 167 -15.14 -26.73 -3.19
C GLU B 167 -14.36 -27.61 -4.17
N GLN B 168 -15.04 -28.34 -5.07
CA GLN B 168 -14.32 -29.12 -6.05
C GLN B 168 -13.25 -28.28 -6.76
N ILE B 169 -13.52 -26.99 -6.93
CA ILE B 169 -12.58 -26.07 -7.57
C ILE B 169 -11.46 -25.69 -6.62
N LEU B 170 -11.81 -24.97 -5.54
CA LEU B 170 -10.91 -24.72 -4.42
C LEU B 170 -9.96 -25.88 -4.12
N GLY B 171 -10.45 -27.12 -4.16
CA GLY B 171 -9.55 -28.23 -4.08
C GLY B 171 -8.43 -28.13 -5.10
N LYS B 172 -8.77 -28.11 -6.37
CA LYS B 172 -7.70 -28.04 -7.36
C LYS B 172 -6.88 -26.76 -7.27
N VAL B 173 -7.44 -25.68 -6.71
CA VAL B 173 -6.64 -24.47 -6.47
C VAL B 173 -5.58 -24.72 -5.40
N SER B 174 -6.03 -25.25 -4.26
CA SER B 174 -5.15 -25.46 -3.12
C SER B 174 -3.99 -26.35 -3.50
N ILE B 175 -4.25 -27.38 -4.31
CA ILE B 175 -3.16 -28.19 -4.85
C ILE B 175 -2.14 -27.31 -5.54
N ALA B 176 -2.60 -26.43 -6.43
CA ALA B 176 -1.69 -25.53 -7.14
C ALA B 176 -0.90 -24.66 -6.18
N VAL B 177 -1.56 -24.01 -5.23
CA VAL B 177 -0.84 -23.07 -4.35
C VAL B 177 0.21 -23.80 -3.52
N ILE B 178 -0.18 -24.92 -2.92
CA ILE B 178 0.76 -25.78 -2.20
C ILE B 178 1.96 -26.11 -3.07
N LYS B 179 1.71 -26.44 -4.35
CA LYS B 179 2.83 -26.77 -5.21
C LYS B 179 3.70 -25.55 -5.53
N GLY B 180 3.09 -24.36 -5.67
CA GLY B 180 3.83 -23.17 -6.01
C GLY B 180 4.63 -22.70 -4.81
N LEU B 181 4.00 -22.77 -3.65
CA LEU B 181 4.69 -22.37 -2.43
C LEU B 181 5.89 -23.27 -2.18
N THR B 182 5.74 -24.57 -2.48
CA THR B 182 6.84 -25.51 -2.32
C THR B 182 7.97 -25.19 -3.29
N TYR B 183 7.62 -25.03 -4.56
CA TYR B 183 8.63 -24.75 -5.58
C TYR B 183 9.42 -23.49 -5.23
N LEU B 184 8.80 -22.51 -4.55
CA LEU B 184 9.50 -21.31 -4.15
C LEU B 184 10.38 -21.53 -2.92
N ARG B 185 9.96 -22.41 -1.99
CA ARG B 185 10.76 -22.68 -0.79
C ARG B 185 11.93 -23.61 -1.08
N GLU B 186 11.71 -24.71 -1.81
CA GLU B 186 12.81 -25.64 -2.02
C GLU B 186 13.88 -25.04 -2.92
N LYS B 187 13.49 -24.72 -4.16
CA LYS B 187 14.43 -24.44 -5.23
C LYS B 187 15.00 -23.03 -5.17
N HIS B 188 14.41 -22.16 -4.37
CA HIS B 188 14.81 -20.77 -4.30
C HIS B 188 14.91 -20.23 -2.89
N LYS B 189 14.39 -20.93 -1.88
CA LYS B 189 14.34 -20.46 -0.50
C LYS B 189 13.69 -19.07 -0.45
N ILE B 190 12.56 -18.96 -1.15
CA ILE B 190 11.78 -17.74 -1.28
C ILE B 190 10.45 -17.93 -0.53
N MET B 191 10.15 -17.00 0.39
CA MET B 191 8.83 -16.99 1.08
C MET B 191 7.92 -16.04 0.28
N HIS B 192 6.72 -16.49 -0.12
CA HIS B 192 5.82 -15.68 -0.94
C HIS B 192 5.57 -14.31 -0.30
N ARG B 193 5.38 -14.26 1.01
CA ARG B 193 5.27 -13.04 1.79
C ARG B 193 3.86 -12.43 1.69
N ASP B 194 2.95 -12.92 0.84
CA ASP B 194 1.62 -12.33 0.77
C ASP B 194 0.65 -13.12 -0.15
N VAL B 195 0.23 -14.29 0.30
CA VAL B 195 -0.67 -15.11 -0.50
C VAL B 195 -2.10 -14.59 -0.38
N LYS B 196 -2.71 -14.23 -1.49
CA LYS B 196 -4.08 -13.71 -1.49
C LYS B 196 -4.72 -14.00 -2.84
N PRO B 197 -6.03 -13.95 -2.94
CA PRO B 197 -6.67 -14.30 -4.21
C PRO B 197 -6.22 -13.44 -5.36
N SER B 198 -5.98 -12.16 -5.14
CA SER B 198 -5.49 -11.43 -6.31
C SER B 198 -4.13 -11.68 -6.62
N ASN B 199 -3.43 -12.65 -6.03
CA ASN B 199 -2.06 -12.96 -6.39
C ASN B 199 -1.93 -14.34 -6.99
N ILE B 200 -3.05 -15.04 -7.11
CA ILE B 200 -3.18 -16.29 -7.83
C ILE B 200 -3.79 -15.98 -9.17
N LEU B 201 -3.12 -16.35 -10.24
CA LEU B 201 -3.71 -16.15 -11.55
C LEU B 201 -4.06 -17.49 -12.19
N VAL B 202 -4.93 -17.40 -13.20
CA VAL B 202 -5.57 -18.56 -13.82
C VAL B 202 -5.88 -18.22 -15.27
N ASN B 203 -5.86 -19.23 -16.14
CA ASN B 203 -6.00 -18.97 -17.56
C ASN B 203 -6.91 -20.02 -18.17
N SER B 204 -7.21 -19.82 -19.45
CA SER B 204 -8.23 -20.65 -20.11
C SER B 204 -7.73 -22.05 -20.42
N ARG B 205 -6.42 -22.32 -20.27
CA ARG B 205 -5.92 -23.68 -20.33
C ARG B 205 -5.95 -24.35 -18.96
N GLY B 206 -6.70 -23.79 -18.01
CA GLY B 206 -6.91 -24.39 -16.70
C GLY B 206 -5.71 -24.37 -15.78
N GLU B 207 -4.71 -23.52 -16.07
CA GLU B 207 -3.52 -23.41 -15.24
C GLU B 207 -3.78 -22.49 -14.07
N ILE B 208 -3.18 -22.80 -12.93
CA ILE B 208 -3.29 -21.97 -11.74
C ILE B 208 -1.89 -21.64 -11.29
N LYS B 209 -1.60 -20.35 -11.15
CA LYS B 209 -0.21 -19.91 -11.05
C LYS B 209 -0.07 -18.80 -10.02
N LEU B 210 1.06 -18.79 -9.31
CA LEU B 210 1.35 -17.77 -8.33
C LEU B 210 2.08 -16.60 -8.97
N CYS B 211 1.85 -15.43 -8.40
CA CYS B 211 2.40 -14.18 -8.91
CA CYS B 211 2.49 -14.22 -8.89
C CYS B 211 2.59 -13.26 -7.72
N ASP B 212 3.23 -12.10 -7.96
CA ASP B 212 3.45 -11.03 -6.96
C ASP B 212 4.10 -11.53 -5.66
N PHE B 213 5.06 -12.46 -5.77
CA PHE B 213 5.71 -13.03 -4.59
C PHE B 213 7.04 -12.35 -4.24
N GLY B 214 7.40 -12.44 -2.97
CA GLY B 214 8.46 -11.60 -2.44
C GLY B 214 9.89 -11.96 -2.82
N VAL B 215 10.28 -11.62 -4.05
CA VAL B 215 11.64 -11.90 -4.54
C VAL B 215 12.58 -10.71 -4.35
N SER B 216 12.06 -9.55 -3.91
CA SER B 216 12.88 -8.41 -3.51
C SER B 216 12.21 -7.76 -2.31
N GLY B 217 12.86 -7.85 -1.14
CA GLY B 217 12.24 -7.33 0.05
C GLY B 217 12.04 -5.83 0.00
N GLN B 218 12.97 -5.13 -0.66
CA GLN B 218 12.92 -3.69 -0.80
C GLN B 218 11.66 -3.27 -1.50
N LEU B 219 11.31 -4.00 -2.54
CA LEU B 219 10.20 -3.62 -3.39
C LEU B 219 8.89 -3.78 -2.64
N ILE B 220 8.76 -4.86 -1.86
CA ILE B 220 7.57 -5.00 -1.01
C ILE B 220 7.48 -3.81 -0.09
N ASP B 221 8.58 -3.54 0.60
CA ASP B 221 8.64 -2.48 1.59
C ASP B 221 8.28 -1.12 0.95
N ALA B 222 8.91 -0.79 -0.19
CA ALA B 222 8.69 0.50 -0.82
C ALA B 222 7.25 0.68 -1.29
N MET B 223 6.58 -0.40 -1.70
CA MET B 223 5.19 -0.34 -2.13
C MET B 223 4.21 -0.22 -1.00
N ALA B 224 4.56 -0.68 0.20
CA ALA B 224 3.57 -0.68 1.28
C ALA B 224 3.41 0.68 1.96
N ASN B 225 4.50 1.46 2.13
CA ASN B 225 4.31 2.79 2.69
C ASN B 225 3.48 3.65 1.77
N ALA B 226 3.40 3.23 0.51
CA ALA B 226 2.75 4.00 -0.53
C ALA B 226 1.23 3.94 -0.41
N PHE B 227 0.65 2.74 -0.28
CA PHE B 227 -0.82 2.67 -0.27
C PHE B 227 -1.20 1.51 0.67
N VAL B 228 -1.45 1.84 1.96
CA VAL B 228 -2.12 0.91 2.89
C VAL B 228 -3.52 0.54 2.38
N GLY B 229 -3.84 -0.76 2.47
CA GLY B 229 -5.12 -1.28 1.99
C GLY B 229 -6.19 -1.26 3.05
N THR B 230 -7.28 -2.02 2.79
CA THR B 230 -8.33 -2.22 3.78
C THR B 230 -8.40 -3.65 4.32
N ARG B 231 -7.73 -4.60 3.65
CA ARG B 231 -7.76 -6.03 4.07
C ARG B 231 -6.37 -6.45 4.55
N SER B 232 -6.23 -7.68 5.06
CA SER B 232 -4.92 -8.17 5.58
C SER B 232 -4.86 -9.70 5.59
N TYR B 233 -3.88 -10.27 4.90
CA TYR B 233 -3.72 -11.75 4.89
C TYR B 233 -2.53 -12.07 5.79
N MET B 234 -2.03 -11.07 6.52
CA MET B 234 -0.87 -11.25 7.38
C MET B 234 -1.20 -12.12 8.60
N SER B 235 -0.53 -13.29 8.69
CA SER B 235 -0.72 -14.21 9.80
C SER B 235 -0.41 -13.54 11.13
N PRO B 236 -0.98 -14.05 12.23
CA PRO B 236 -0.88 -13.31 13.51
C PRO B 236 0.52 -13.24 14.11
N GLU B 237 1.38 -14.22 13.90
CA GLU B 237 2.77 -14.04 14.31
C GLU B 237 3.41 -12.88 13.55
N ARG B 238 3.33 -12.93 12.22
CA ARG B 238 3.95 -11.93 11.34
C ARG B 238 3.49 -10.52 11.70
N LEU B 239 2.24 -10.36 12.16
CA LEU B 239 1.78 -9.08 12.69
C LEU B 239 2.43 -8.69 14.00
N GLN B 240 2.97 -9.65 14.73
CA GLN B 240 3.63 -9.41 16.00
C GLN B 240 5.14 -9.48 15.89
N GLY B 241 5.68 -9.49 14.68
CA GLY B 241 7.10 -9.38 14.49
C GLY B 241 7.81 -10.70 14.25
N THR B 242 7.16 -11.84 14.47
CA THR B 242 7.79 -13.14 14.25
C THR B 242 7.60 -13.59 12.80
N HIS B 243 8.61 -14.23 12.19
CA HIS B 243 8.48 -14.64 10.79
C HIS B 243 8.68 -16.15 10.73
N TYR B 244 7.90 -16.87 9.92
CA TYR B 244 7.99 -18.33 10.08
C TYR B 244 8.10 -19.13 8.82
N SER B 245 8.89 -18.66 7.87
CA SER B 245 9.05 -19.43 6.65
C SER B 245 7.64 -19.68 6.11
N VAL B 246 7.43 -20.80 5.44
CA VAL B 246 6.18 -21.02 4.73
C VAL B 246 5.00 -21.15 5.68
N GLN B 247 5.26 -21.14 6.98
CA GLN B 247 4.16 -21.26 7.93
C GLN B 247 3.26 -20.04 7.88
N SER B 248 3.86 -18.87 7.71
CA SER B 248 3.07 -17.66 7.64
C SER B 248 2.40 -17.49 6.28
N ASP B 249 2.92 -18.13 5.22
CA ASP B 249 2.23 -18.16 3.92
C ASP B 249 1.01 -19.08 3.98
N ILE B 250 1.17 -20.26 4.57
CA ILE B 250 0.07 -21.21 4.69
C ILE B 250 -1.14 -20.56 5.32
N TRP B 251 -0.94 -19.77 6.38
CA TRP B 251 -2.06 -19.07 6.98
C TRP B 251 -2.77 -18.21 5.96
N SER B 252 -1.99 -17.44 5.18
CA SER B 252 -2.59 -16.61 4.15
C SER B 252 -3.42 -17.47 3.21
N MET B 253 -2.86 -18.58 2.75
CA MET B 253 -3.63 -19.46 1.89
C MET B 253 -4.97 -19.79 2.53
N GLY B 254 -4.94 -20.36 3.74
CA GLY B 254 -6.19 -20.77 4.38
C GLY B 254 -7.22 -19.67 4.40
N LEU B 255 -6.84 -18.50 4.92
CA LEU B 255 -7.71 -17.34 4.87
C LEU B 255 -8.27 -17.11 3.49
N SER B 256 -7.41 -17.17 2.47
CA SER B 256 -7.87 -16.99 1.11
C SER B 256 -8.86 -18.08 0.72
N LEU B 257 -8.56 -19.34 1.06
CA LEU B 257 -9.54 -20.39 0.82
C LEU B 257 -10.91 -20.01 1.35
N VAL B 258 -10.99 -19.56 2.59
CA VAL B 258 -12.30 -19.31 3.20
C VAL B 258 -12.99 -18.12 2.52
N GLU B 259 -12.23 -17.07 2.19
CA GLU B 259 -12.81 -15.92 1.49
C GLU B 259 -13.41 -16.34 0.16
N MET B 260 -12.64 -17.06 -0.66
CA MET B 260 -13.20 -17.59 -1.88
C MET B 260 -14.39 -18.51 -1.63
N ALA B 261 -14.36 -19.29 -0.55
CA ALA B 261 -15.36 -20.32 -0.34
C ALA B 261 -16.72 -19.72 0.00
N VAL B 262 -16.72 -18.70 0.85
CA VAL B 262 -18.00 -18.08 1.21
C VAL B 262 -18.32 -16.86 0.36
N GLY B 263 -17.34 -16.25 -0.28
CA GLY B 263 -17.55 -15.07 -1.09
C GLY B 263 -17.34 -13.73 -0.41
N ARG B 264 -16.79 -13.70 0.79
CA ARG B 264 -16.60 -12.45 1.50
C ARG B 264 -15.33 -12.61 2.33
N TYR B 265 -14.58 -11.53 2.48
CA TYR B 265 -13.41 -11.59 3.36
C TYR B 265 -13.82 -11.91 4.81
N PRO B 266 -13.32 -13.01 5.42
CA PRO B 266 -13.99 -13.59 6.60
C PRO B 266 -13.69 -13.02 7.97
N ILE B 267 -13.19 -11.79 8.03
CA ILE B 267 -12.86 -11.16 9.30
C ILE B 267 -13.60 -9.83 9.36
N PRO B 268 -14.47 -9.63 10.34
CA PRO B 268 -14.89 -10.69 11.26
C PRO B 268 -15.88 -11.66 10.59
N PRO B 269 -16.24 -12.76 11.26
CA PRO B 269 -17.10 -13.78 10.63
C PRO B 269 -18.47 -13.23 10.28
N PRO B 270 -19.25 -13.96 9.49
CA PRO B 270 -20.59 -13.46 9.12
C PRO B 270 -21.48 -13.34 10.34
N ASP B 271 -22.29 -12.29 10.34
CA ASP B 271 -23.11 -11.91 11.49
C ASP B 271 -24.37 -12.80 11.49
N ALA B 272 -24.13 -14.09 11.73
CA ALA B 272 -25.16 -15.10 11.96
C ALA B 272 -26.20 -15.15 10.85
N LYS B 273 -26.78 -13.98 10.51
CA LYS B 273 -27.85 -13.93 9.53
C LYS B 273 -27.31 -13.92 8.10
N GLU B 274 -26.28 -13.09 7.84
CA GLU B 274 -25.66 -13.05 6.51
C GLU B 274 -25.00 -14.37 6.15
N LEU B 275 -24.60 -15.14 7.16
CA LEU B 275 -24.17 -16.50 6.93
C LEU B 275 -25.29 -17.31 6.24
N GLU B 276 -26.50 -17.33 6.81
CA GLU B 276 -27.64 -18.04 6.21
C GLU B 276 -27.98 -17.53 4.80
N LEU B 277 -27.51 -16.33 4.44
CA LEU B 277 -27.50 -15.85 3.06
C LEU B 277 -26.46 -16.61 2.26
N MET B 278 -26.91 -17.62 1.50
CA MET B 278 -26.04 -18.58 0.83
C MET B 278 -26.66 -19.11 -0.47
N PRO B 311 -18.18 -2.21 7.29
CA PRO B 311 -16.86 -1.57 7.20
C PRO B 311 -16.07 -1.75 8.50
N MET B 312 -14.76 -2.00 8.45
CA MET B 312 -13.95 -2.18 9.65
C MET B 312 -12.57 -1.57 9.53
N ALA B 313 -12.12 -0.92 10.61
CA ALA B 313 -10.87 -0.17 10.62
C ALA B 313 -9.67 -1.10 10.60
N ILE B 314 -8.65 -0.74 9.82
CA ILE B 314 -7.54 -1.66 9.56
C ILE B 314 -6.83 -2.01 10.85
N PHE B 315 -6.64 -1.05 11.75
CA PHE B 315 -6.03 -1.39 13.02
C PHE B 315 -6.85 -2.42 13.75
N GLU B 316 -8.16 -2.43 13.53
CA GLU B 316 -9.00 -3.37 14.25
C GLU B 316 -8.95 -4.76 13.67
N LEU B 317 -8.96 -4.89 12.34
CA LEU B 317 -8.75 -6.21 11.73
C LEU B 317 -7.48 -6.83 12.25
N LEU B 318 -6.43 -6.05 12.38
CA LEU B 318 -5.17 -6.58 12.83
C LEU B 318 -5.23 -6.93 14.32
N ASP B 319 -6.00 -6.17 15.10
CA ASP B 319 -6.22 -6.51 16.49
C ASP B 319 -7.03 -7.77 16.60
N TYR B 320 -8.04 -7.90 15.75
CA TYR B 320 -8.84 -9.11 15.73
C TYR B 320 -7.99 -10.31 15.36
N ILE B 321 -7.22 -10.22 14.26
CA ILE B 321 -6.43 -11.39 13.83
C ILE B 321 -5.61 -11.92 14.98
N VAL B 322 -5.02 -11.02 15.75
CA VAL B 322 -4.16 -11.42 16.86
C VAL B 322 -4.98 -11.88 18.06
N ASN B 323 -6.01 -11.11 18.44
CA ASN B 323 -6.69 -11.30 19.72
C ASN B 323 -8.07 -11.94 19.59
N GLU B 324 -8.33 -12.72 18.56
CA GLU B 324 -9.61 -13.41 18.46
C GLU B 324 -9.40 -14.75 17.80
N PRO B 325 -10.33 -15.68 17.97
CA PRO B 325 -10.19 -16.96 17.31
C PRO B 325 -10.18 -16.78 15.82
N PRO B 326 -9.54 -17.69 15.09
CA PRO B 326 -9.48 -17.60 13.63
C PRO B 326 -10.84 -17.82 13.02
N PRO B 327 -11.01 -17.54 11.72
CA PRO B 327 -12.28 -17.84 11.06
C PRO B 327 -12.38 -19.30 10.70
N LYS B 328 -13.62 -19.77 10.57
CA LYS B 328 -13.85 -21.16 10.21
C LYS B 328 -14.91 -21.19 9.13
N LEU B 329 -14.91 -22.28 8.36
CA LEU B 329 -15.96 -22.51 7.38
C LEU B 329 -17.31 -22.73 8.07
N PRO B 330 -18.43 -22.52 7.38
CA PRO B 330 -19.74 -22.88 7.94
C PRO B 330 -19.97 -24.40 7.92
N SER B 331 -20.75 -24.85 8.88
CA SER B 331 -20.95 -26.27 8.97
C SER B 331 -21.88 -26.78 7.87
N GLY B 332 -21.79 -28.09 7.64
CA GLY B 332 -22.82 -28.78 6.88
C GLY B 332 -22.78 -28.55 5.40
N VAL B 333 -22.48 -27.32 4.98
CA VAL B 333 -22.46 -27.02 3.56
C VAL B 333 -21.10 -27.23 2.94
N PHE B 334 -20.09 -27.59 3.73
CA PHE B 334 -18.76 -27.87 3.21
C PHE B 334 -18.25 -29.17 3.80
N SER B 335 -17.47 -29.90 2.99
CA SER B 335 -17.11 -31.26 3.36
C SER B 335 -16.37 -31.25 4.68
N LEU B 336 -16.47 -32.37 5.41
CA LEU B 336 -15.73 -32.48 6.69
C LEU B 336 -14.23 -32.38 6.39
N GLU B 337 -13.81 -32.92 5.24
CA GLU B 337 -12.39 -32.89 4.91
C GLU B 337 -11.93 -31.48 4.57
N PHE B 338 -12.83 -30.66 4.05
CA PHE B 338 -12.43 -29.32 3.71
C PHE B 338 -12.51 -28.39 4.90
N GLN B 339 -13.53 -28.50 5.75
CA GLN B 339 -13.54 -27.64 6.93
C GLN B 339 -12.31 -27.89 7.75
N ASP B 340 -11.80 -29.12 7.70
CA ASP B 340 -10.62 -29.44 8.48
C ASP B 340 -9.37 -28.85 7.83
N PHE B 341 -9.23 -29.03 6.53
CA PHE B 341 -8.07 -28.50 5.83
C PHE B 341 -7.88 -27.02 6.09
N VAL B 342 -8.95 -26.22 6.05
CA VAL B 342 -8.73 -24.82 6.35
C VAL B 342 -8.42 -24.65 7.84
N ASN B 343 -9.14 -25.36 8.71
CA ASN B 343 -8.94 -25.07 10.12
C ASN B 343 -7.51 -25.37 10.55
N LYS B 344 -6.90 -26.42 9.96
CA LYS B 344 -5.50 -26.64 10.25
C LYS B 344 -4.64 -25.55 9.65
N CYS B 345 -5.10 -24.92 8.57
CA CYS B 345 -4.35 -23.82 7.96
C CYS B 345 -4.35 -22.58 8.84
N LEU B 346 -5.43 -22.35 9.59
CA LEU B 346 -5.70 -21.11 10.30
C LEU B 346 -5.41 -21.21 11.80
N ILE B 347 -4.45 -22.02 12.20
CA ILE B 347 -4.11 -22.08 13.61
C ILE B 347 -3.25 -20.89 13.96
N LYS B 348 -3.59 -20.20 15.05
CA LYS B 348 -2.89 -18.97 15.39
C LYS B 348 -1.44 -19.22 15.84
N ASN B 349 -1.11 -20.42 16.31
CA ASN B 349 0.28 -20.72 16.67
C ASN B 349 1.00 -21.22 15.42
N PRO B 350 2.05 -20.55 14.94
CA PRO B 350 2.63 -20.90 13.64
C PRO B 350 3.25 -22.28 13.62
N ALA B 351 3.49 -22.85 14.79
CA ALA B 351 4.05 -24.18 14.92
C ALA B 351 2.97 -25.24 14.97
N GLU B 352 1.82 -25.00 15.60
CA GLU B 352 0.77 -26.02 15.54
C GLU B 352 0.18 -26.09 14.13
N ARG B 353 -0.02 -24.91 13.49
CA ARG B 353 -0.38 -24.79 12.08
C ARG B 353 0.39 -25.80 11.24
N ALA B 354 -0.28 -26.38 10.26
CA ALA B 354 0.37 -27.40 9.44
C ALA B 354 1.40 -26.80 8.49
N ASP B 355 2.35 -27.63 8.08
CA ASP B 355 3.36 -27.25 7.11
C ASP B 355 3.04 -27.84 5.74
N LEU B 356 3.93 -27.62 4.76
CA LEU B 356 3.62 -28.07 3.40
C LEU B 356 3.59 -29.59 3.31
N LYS B 357 4.50 -30.28 4.01
CA LYS B 357 4.53 -31.74 3.95
C LYS B 357 3.16 -32.29 4.33
N GLN B 358 2.49 -31.69 5.32
CA GLN B 358 1.26 -32.26 5.83
C GLN B 358 0.11 -31.94 4.90
N LEU B 359 -0.08 -30.67 4.57
CA LEU B 359 -1.19 -30.29 3.69
C LEU B 359 -1.20 -31.13 2.44
N MET B 360 -0.01 -31.39 1.91
CA MET B 360 0.09 -32.12 0.66
C MET B 360 -0.54 -33.51 0.74
N VAL B 361 -0.62 -34.11 1.93
CA VAL B 361 -1.19 -35.45 2.02
C VAL B 361 -2.39 -35.45 2.95
N HIS B 362 -3.15 -34.36 2.96
CA HIS B 362 -4.39 -34.26 3.71
C HIS B 362 -5.53 -34.96 2.98
N ALA B 363 -6.54 -35.35 3.73
CA ALA B 363 -7.74 -35.93 3.13
C ALA B 363 -8.23 -35.08 1.98
N PHE B 364 -8.51 -33.80 2.26
CA PHE B 364 -9.09 -32.91 1.27
C PHE B 364 -8.23 -32.77 0.03
N ILE B 365 -6.92 -32.93 0.13
CA ILE B 365 -6.09 -32.86 -1.06
C ILE B 365 -5.96 -34.22 -1.74
N LYS B 366 -5.83 -35.29 -0.96
CA LYS B 366 -5.88 -36.61 -1.55
C LYS B 366 -7.12 -36.74 -2.43
N ARG B 367 -8.27 -36.31 -1.94
CA ARG B 367 -9.50 -36.48 -2.70
C ARG B 367 -9.58 -35.52 -3.88
N SER B 368 -9.36 -34.23 -3.64
CA SER B 368 -9.58 -33.24 -4.70
C SER B 368 -8.62 -33.43 -5.84
N ASP B 369 -7.46 -34.00 -5.56
CA ASP B 369 -6.57 -34.43 -6.62
C ASP B 369 -7.19 -35.59 -7.39
N ALA B 370 -7.86 -36.50 -6.69
CA ALA B 370 -8.51 -37.63 -7.33
C ALA B 370 -9.70 -37.17 -8.18
N GLU B 371 -10.55 -36.29 -7.63
CA GLU B 371 -11.61 -35.69 -8.42
C GLU B 371 -11.08 -35.20 -9.74
N GLU B 372 -11.76 -35.61 -10.79
CA GLU B 372 -11.56 -35.03 -12.09
C GLU B 372 -12.56 -33.89 -12.22
N VAL B 373 -12.06 -32.67 -12.40
CA VAL B 373 -12.91 -31.49 -12.52
C VAL B 373 -12.45 -30.74 -13.75
N ASP B 374 -13.44 -30.19 -14.48
CA ASP B 374 -13.21 -29.39 -15.68
C ASP B 374 -12.95 -27.96 -15.29
N PHE B 375 -11.70 -27.65 -14.98
CA PHE B 375 -11.41 -26.33 -14.45
C PHE B 375 -11.54 -25.25 -15.51
N ALA B 376 -10.93 -25.46 -16.68
CA ALA B 376 -10.96 -24.42 -17.70
C ALA B 376 -12.38 -24.13 -18.14
N GLY B 377 -13.23 -25.15 -18.18
CA GLY B 377 -14.60 -24.91 -18.57
C GLY B 377 -15.35 -24.14 -17.50
N TRP B 378 -15.04 -24.42 -16.24
CA TRP B 378 -15.70 -23.70 -15.17
C TRP B 378 -15.30 -22.24 -15.21
N LEU B 379 -14.02 -21.99 -15.43
CA LEU B 379 -13.50 -20.64 -15.50
C LEU B 379 -14.12 -19.87 -16.66
N CYS B 380 -13.98 -20.39 -17.88
CA CYS B 380 -14.54 -19.72 -19.04
C CYS B 380 -16.06 -19.57 -18.95
N SER B 381 -16.75 -20.48 -18.26
CA SER B 381 -18.18 -20.29 -18.07
C SER B 381 -18.45 -19.12 -17.13
N THR B 382 -17.61 -18.98 -16.10
CA THR B 382 -17.83 -18.01 -15.03
C THR B 382 -17.52 -16.58 -15.50
N ILE B 383 -16.47 -16.41 -16.31
CA ILE B 383 -16.12 -15.14 -16.93
C ILE B 383 -17.11 -14.71 -18.03
N GLY B 384 -17.89 -15.64 -18.59
CA GLY B 384 -18.82 -15.35 -19.68
C GLY B 384 -18.25 -15.63 -21.05
N LEU B 385 -17.39 -16.65 -21.16
CA LEU B 385 -16.79 -17.01 -22.46
C LEU B 385 -17.07 -18.48 -22.81
N ASN B 386 -16.39 -19.01 -23.81
CA ASN B 386 -16.72 -20.32 -24.37
C ASN B 386 -15.59 -21.30 -24.12
N GLN B 387 -15.86 -22.34 -23.33
CA GLN B 387 -15.01 -23.52 -23.20
C GLN B 387 -13.54 -23.27 -22.83
PG ANP C . -0.13 13.12 0.78
O1G ANP C . -1.50 12.79 0.24
O2G ANP C . 0.31 14.61 0.45
O3G ANP C . -0.10 12.92 2.37
PB ANP C . 1.98 12.77 -1.17
O1B ANP C . 2.23 14.19 -0.80
O2B ANP C . 3.31 11.97 -1.35
N3B ANP C . 1.03 12.09 0.07
PA ANP C . 0.59 14.13 -3.25
O1A ANP C . 0.64 15.22 -2.24
O2A ANP C . -0.89 13.86 -3.59
O3A ANP C . 1.25 12.79 -2.56
O5' ANP C . 1.48 14.46 -4.57
C5' ANP C . 2.41 13.49 -5.18
C4' ANP C . 3.50 14.17 -5.98
O4' ANP C . 3.13 15.54 -6.21
C3' ANP C . 4.87 14.20 -5.31
O3' ANP C . 5.90 13.90 -6.26
C2' ANP C . 4.94 15.61 -4.70
O2' ANP C . 6.29 16.06 -4.57
C1' ANP C . 4.14 16.40 -5.73
N9 ANP C . 3.50 17.66 -5.26
C8 ANP C . 2.47 17.78 -4.37
N7 ANP C . 2.08 19.01 -4.17
C5 ANP C . 2.89 19.75 -5.01
C6 ANP C . 2.98 21.14 -5.28
N6 ANP C . 2.20 22.05 -4.68
N1 ANP C . 3.89 21.55 -6.18
C2 ANP C . 4.66 20.65 -6.78
N3 ANP C . 4.68 19.32 -6.61
C4 ANP C . 3.78 18.94 -5.72
MG MG D . 2.47 16.72 -0.74
PG ANP E . -1.37 -5.34 -4.87
O1G ANP E . -0.79 -6.69 -5.05
O2G ANP E . -2.23 -5.35 -3.56
O3G ANP E . -0.23 -4.24 -4.77
PB ANP E . -3.36 -6.07 -6.86
O1B ANP E . -2.80 -7.42 -6.52
O2B ANP E . -4.84 -5.94 -6.33
N3B ANP E . -2.35 -4.90 -6.19
PA ANP E . -2.07 -5.82 -9.44
O1A ANP E . -1.35 -4.54 -9.13
O2A ANP E . -1.18 -7.07 -9.55
O3A ANP E . -3.36 -5.97 -8.43
O5' ANP E . -2.76 -5.70 -10.87
C5' ANP E . -3.97 -4.95 -11.13
C4' ANP E . -5.05 -5.80 -11.75
O4' ANP E . -4.49 -6.60 -12.83
C3' ANP E . -5.71 -6.79 -10.81
O3' ANP E . -7.11 -6.81 -11.10
C2' ANP E . -4.95 -8.09 -11.07
O2' ANP E . -5.78 -9.22 -10.84
C1' ANP E . -4.57 -7.98 -12.55
N9 ANP E . -3.31 -8.61 -12.94
C8 ANP E . -2.04 -8.51 -12.36
N7 ANP E . -1.11 -9.20 -12.99
C5 ANP E . -1.80 -9.79 -14.06
C6 ANP E . -1.39 -10.64 -15.11
N6 ANP E . -0.13 -11.10 -15.26
N1 ANP E . -2.33 -11.04 -16.02
C2 ANP E . -3.59 -10.61 -15.87
N3 ANP E . -4.10 -9.81 -14.92
C4 ANP E . -3.14 -9.42 -14.03
MG MG F . -1.04 -8.76 -7.68
O20 EUI G . 4.05 -6.16 -6.91
C18 EUI G . 4.46 -6.80 -5.97
C15 EUI G . 5.85 -7.37 -5.90
C14 EUI G . 6.60 -7.12 -4.69
C13 EUI G . 7.91 -7.57 -4.48
C12 EUI G . 8.47 -8.30 -5.56
F17 EUI G . 9.67 -8.83 -5.64
C11 EUI G . 7.78 -8.55 -6.73
F16 EUI G . 8.46 -9.22 -7.63
C10 EUI G . 6.47 -8.11 -6.95
N9 EUI G . 5.88 -8.41 -8.18
C5 EUI G . 5.88 -9.53 -9.03
C4 EUI G . 6.55 -10.71 -8.60
C3 EUI G . 6.63 -11.87 -9.41
C2 EUI G . 6.00 -11.87 -10.65
I8 EUI G . 6.09 -13.66 -11.86
C6 EUI G . 5.25 -9.56 -10.29
F7 EUI G . 4.57 -8.50 -10.75
C1 EUI G . 5.32 -10.73 -11.10
N19 EUI G . 3.57 -6.92 -4.97
C23 EUI G . 3.65 -7.60 -3.69
C22 EUI G . 2.12 -7.25 -3.71
C21 EUI G . 2.25 -6.35 -4.99
O24 EUI G . 1.21 -8.26 -4.18
C25 EUI G . 1.64 -6.60 -2.44
C30 EUI G . 1.94 -5.07 -2.46
C29 EUI G . 2.60 -4.66 -1.15
C28 EUI G . 1.97 -5.41 0.04
C27 EUI G . 2.43 -6.88 -0.07
N26 EUI G . 2.52 -7.27 -1.48
#